data_7A4Z
#
_entry.id   7A4Z
#
_cell.length_a   81.909
_cell.length_b   81.909
_cell.length_c   123.991
_cell.angle_alpha   90.000
_cell.angle_beta   90.000
_cell.angle_gamma   90.000
#
_symmetry.space_group_name_H-M   'P 43 21 2'
#
loop_
_entity.id
_entity.type
_entity.pdbx_description
1 polymer 'Dual specificity tyrosine-phosphorylation-regulated kinase 1A'
2 non-polymer 3-(4-methoxyphenyl)-1~{H}-pyrazol-5-amine
3 water water
#
_entity_poly.entity_id   1
_entity_poly.type   'polypeptide(L)'
_entity_poly.pdbx_seq_one_letter_code
;MGSSHHHHHHSSGLVPRG(SEP)HMIVKNGEKWMDRYEIDSLIGKGSFGQVVKAYDRVEQEWVAIKIIKNKKAFLNQAQI
EVRLLELMNKHDTEMKYYIVHLKRHFMFRNHLCLVFEMLSYNLYDLLRNTNFRGVSLNLTRKFAQQMCTALLFLATPELS
IIHCDLKPENILLCNPKRSAIKIVDFGSSCQLGQRIYQ(PTR)IQSRFYRSPEVLLGMPYDLAIDMWSLGCILVEMHTGE
PLFSGANEVDQMNKIVEVLGIPPAHILDQAPKARKFFEKLPDGTWNLKKTKDGKREYKPPGTRKLHNILGVETGGPGGRR
AGESGHTVADYLKFKDLILRMLDYDPKTRIQPYYALQHSFFKKTADE
;
_entity_poly.pdbx_strand_id   A
#
loop_
_chem_comp.id
_chem_comp.type
_chem_comp.name
_chem_comp.formula
6SD non-polymer 3-(4-methoxyphenyl)-1~{H}-pyrazol-5-amine 'C10 H11 N3 O'
#
# COMPACT_ATOMS: atom_id res chain seq x y z
N MET A 21 -21.00 15.80 9.01
CA MET A 21 -22.13 15.20 9.76
C MET A 21 -21.70 14.97 11.22
N ILE A 22 -22.45 15.53 12.17
CA ILE A 22 -22.30 15.31 13.64
C ILE A 22 -23.01 13.99 13.98
N VAL A 23 -22.28 12.99 14.46
CA VAL A 23 -22.90 11.69 14.89
C VAL A 23 -22.64 11.54 16.38
N LYS A 24 -23.69 11.73 17.19
CA LYS A 24 -23.64 11.62 18.67
C LYS A 24 -23.47 10.14 19.06
N ASN A 25 -22.73 9.86 20.14
CA ASN A 25 -22.72 8.52 20.79
C ASN A 25 -24.15 8.24 21.29
N GLY A 26 -24.64 7.02 21.12
CA GLY A 26 -25.98 6.59 21.61
C GLY A 26 -27.04 6.74 20.54
N GLU A 27 -26.79 7.57 19.53
CA GLU A 27 -27.65 7.70 18.33
C GLU A 27 -28.02 6.32 17.81
N LYS A 28 -29.30 6.08 17.53
CA LYS A 28 -29.76 4.77 17.00
C LYS A 28 -30.19 5.00 15.57
N TRP A 29 -29.75 4.15 14.64
CA TRP A 29 -30.13 4.20 13.22
C TRP A 29 -30.99 2.99 12.88
N MET A 30 -32.17 3.21 12.32
CA MET A 30 -32.97 2.20 11.59
C MET A 30 -33.26 0.97 12.47
N ASP A 31 -33.49 1.18 13.77
CA ASP A 31 -33.71 0.11 14.78
C ASP A 31 -32.71 -1.02 14.54
N ARG A 32 -31.44 -0.71 14.24
CA ARG A 32 -30.43 -1.75 13.94
C ARG A 32 -29.05 -1.33 14.52
N TYR A 33 -28.57 -0.12 14.26
CA TYR A 33 -27.18 0.29 14.63
C TYR A 33 -27.20 1.33 15.74
N GLU A 34 -26.40 1.11 16.80
CA GLU A 34 -26.19 2.13 17.85
C GLU A 34 -24.77 2.66 17.75
N ILE A 35 -24.62 3.94 17.48
CA ILE A 35 -23.30 4.58 17.21
C ILE A 35 -22.60 4.72 18.55
N ASP A 36 -21.32 4.35 18.59
CA ASP A 36 -20.52 4.36 19.84
C ASP A 36 -19.52 5.50 19.75
N SER A 37 -18.66 5.52 18.73
CA SER A 37 -17.48 6.42 18.75
C SER A 37 -16.86 6.55 17.36
N LEU A 38 -16.02 7.58 17.20
CA LEU A 38 -15.29 7.88 15.95
C LEU A 38 -14.02 7.05 15.94
N ILE A 39 -13.81 6.30 14.87
CA ILE A 39 -12.54 5.55 14.65
C ILE A 39 -11.58 6.42 13.84
N GLY A 40 -12.07 7.02 12.77
CA GLY A 40 -11.20 7.69 11.79
C GLY A 40 -11.99 8.67 10.94
N LYS A 41 -11.28 9.59 10.31
CA LYS A 41 -11.80 10.53 9.28
C LYS A 41 -10.85 10.48 8.08
N GLY A 42 -11.37 10.73 6.90
CA GLY A 42 -10.57 10.83 5.67
C GLY A 42 -11.13 11.96 4.84
N SER A 43 -10.60 12.15 3.63
CA SER A 43 -11.21 13.05 2.63
C SER A 43 -12.64 12.56 2.32
N PHE A 44 -12.90 11.25 2.44
CA PHE A 44 -14.16 10.57 2.04
C PHE A 44 -15.31 10.82 3.05
N GLY A 45 -15.01 11.14 4.31
CA GLY A 45 -16.02 11.22 5.40
C GLY A 45 -15.47 10.63 6.70
N GLN A 46 -16.22 9.76 7.38
CA GLN A 46 -15.71 9.23 8.65
C GLN A 46 -16.11 7.77 8.85
N VAL A 47 -15.36 7.12 9.72
CA VAL A 47 -15.54 5.72 10.19
C VAL A 47 -15.90 5.75 11.66
N VAL A 48 -17.03 5.12 12.00
CA VAL A 48 -17.52 5.04 13.39
C VAL A 48 -17.62 3.58 13.80
N LYS A 49 -17.41 3.35 15.09
CA LYS A 49 -17.73 2.08 15.74
C LYS A 49 -19.22 2.12 16.07
N ALA A 50 -19.94 1.04 15.77
CA ALA A 50 -21.40 0.90 15.96
C ALA A 50 -21.74 -0.53 16.38
N TYR A 51 -22.81 -0.71 17.16
CA TYR A 51 -23.34 -2.05 17.54
C TYR A 51 -24.48 -2.41 16.59
N ASP A 52 -24.35 -3.53 15.91
CA ASP A 52 -25.41 -4.13 15.06
C ASP A 52 -26.27 -5.06 15.94
N ARG A 53 -27.47 -4.62 16.29
CA ARG A 53 -28.43 -5.44 17.09
C ARG A 53 -28.86 -6.71 16.33
N VAL A 54 -28.76 -6.79 15.01
CA VAL A 54 -29.27 -8.00 14.29
C VAL A 54 -28.24 -9.10 14.41
N GLU A 55 -27.02 -8.84 13.98
CA GLU A 55 -25.96 -9.86 14.00
C GLU A 55 -25.45 -10.02 15.43
N GLN A 56 -25.75 -9.05 16.29
CA GLN A 56 -25.19 -8.98 17.68
C GLN A 56 -23.66 -8.95 17.63
N GLU A 57 -23.11 -7.86 17.12
CA GLU A 57 -21.65 -7.72 16.98
C GLU A 57 -21.39 -6.23 16.79
N TRP A 58 -20.20 -5.83 17.12
CA TRP A 58 -19.69 -4.48 16.75
C TRP A 58 -19.27 -4.46 15.30
N VAL A 59 -19.46 -3.32 14.64
CA VAL A 59 -19.05 -3.15 13.22
C VAL A 59 -18.42 -1.76 13.06
N ALA A 60 -17.71 -1.58 11.98
CA ALA A 60 -17.16 -0.28 11.52
C ALA A 60 -18.05 0.22 10.39
N ILE A 61 -18.57 1.43 10.51
CA ILE A 61 -19.41 2.02 9.44
C ILE A 61 -18.64 3.20 8.87
N LYS A 62 -18.27 3.08 7.60
CA LYS A 62 -17.67 4.16 6.81
C LYS A 62 -18.82 5.01 6.25
N ILE A 63 -18.91 6.23 6.74
CA ILE A 63 -19.97 7.22 6.40
C ILE A 63 -19.38 8.19 5.41
N ILE A 64 -19.83 8.12 4.17
CA ILE A 64 -19.33 8.99 3.09
C ILE A 64 -20.02 10.36 3.17
N LYS A 65 -19.27 11.42 2.94
CA LYS A 65 -19.82 12.79 2.84
C LYS A 65 -20.95 12.83 1.81
N ASN A 66 -21.92 13.69 2.06
CA ASN A 66 -23.10 13.91 1.17
C ASN A 66 -22.70 14.95 0.11
N LYS A 67 -21.68 14.65 -0.69
CA LYS A 67 -21.26 15.48 -1.85
C LYS A 67 -21.04 14.52 -3.02
N LYS A 68 -21.47 14.93 -4.20
CA LYS A 68 -21.52 14.08 -5.41
C LYS A 68 -20.16 13.39 -5.60
N ALA A 69 -19.04 14.13 -5.44
CA ALA A 69 -17.70 13.61 -5.78
C ALA A 69 -17.40 12.42 -4.89
N PHE A 70 -17.68 12.56 -3.61
CA PHE A 70 -17.34 11.50 -2.62
C PHE A 70 -18.32 10.33 -2.77
N LEU A 71 -19.60 10.61 -2.93
CA LEU A 71 -20.62 9.56 -3.22
C LEU A 71 -20.21 8.73 -4.44
N ASN A 72 -19.88 9.38 -5.56
CA ASN A 72 -19.67 8.66 -6.84
C ASN A 72 -18.44 7.75 -6.68
N GLN A 73 -17.42 8.21 -5.97
CA GLN A 73 -16.18 7.40 -5.81
C GLN A 73 -16.45 6.28 -4.80
N ALA A 74 -17.23 6.51 -3.75
CA ALA A 74 -17.57 5.43 -2.80
C ALA A 74 -18.46 4.37 -3.49
N GLN A 75 -19.27 4.77 -4.48
CA GLN A 75 -20.10 3.79 -5.25
C GLN A 75 -19.19 2.83 -6.01
N ILE A 76 -18.04 3.30 -6.51
CA ILE A 76 -17.02 2.42 -7.14
C ILE A 76 -16.45 1.50 -6.07
N GLU A 77 -16.14 2.06 -4.90
CA GLU A 77 -15.61 1.24 -3.79
C GLU A 77 -16.60 0.09 -3.47
N VAL A 78 -17.89 0.39 -3.36
CA VAL A 78 -18.93 -0.66 -3.03
C VAL A 78 -18.96 -1.72 -4.14
N ARG A 79 -18.92 -1.29 -5.39
CA ARG A 79 -18.95 -2.21 -6.54
C ARG A 79 -17.77 -3.17 -6.48
N LEU A 80 -16.58 -2.63 -6.23
CA LEU A 80 -15.36 -3.46 -6.22
C LEU A 80 -15.37 -4.41 -5.01
N LEU A 81 -15.78 -3.95 -3.84
CA LEU A 81 -15.88 -4.85 -2.66
C LEU A 81 -16.94 -5.95 -2.96
N GLU A 82 -18.04 -5.62 -3.62
CA GLU A 82 -19.09 -6.66 -3.84
C GLU A 82 -18.56 -7.65 -4.88
N LEU A 83 -17.79 -7.18 -5.85
CA LEU A 83 -17.20 -8.02 -6.90
C LEU A 83 -16.29 -9.01 -6.18
N MET A 84 -15.49 -8.56 -5.21
CA MET A 84 -14.57 -9.45 -4.47
C MET A 84 -15.38 -10.47 -3.65
N ASN A 85 -16.49 -10.03 -3.05
CA ASN A 85 -17.30 -10.88 -2.11
C ASN A 85 -17.74 -12.13 -2.84
N LYS A 86 -18.09 -12.04 -4.12
CA LYS A 86 -18.70 -13.18 -4.85
C LYS A 86 -17.61 -14.11 -5.40
N HIS A 87 -16.35 -13.94 -5.01
CA HIS A 87 -15.19 -14.79 -5.42
C HIS A 87 -14.66 -15.56 -4.22
N ASP A 88 -15.42 -16.52 -3.70
CA ASP A 88 -15.01 -17.40 -2.56
C ASP A 88 -13.81 -18.28 -2.93
N THR A 89 -12.61 -17.88 -2.52
CA THR A 89 -11.32 -18.61 -2.67
C THR A 89 -10.52 -18.45 -1.37
N GLU A 90 -9.47 -19.24 -1.15
CA GLU A 90 -8.60 -19.19 0.06
C GLU A 90 -7.72 -17.92 0.10
N MET A 91 -7.76 -17.10 -0.96
CA MET A 91 -6.89 -15.91 -1.17
C MET A 91 -7.72 -14.66 -0.88
N LYS A 92 -9.03 -14.76 -0.71
CA LYS A 92 -9.85 -13.54 -0.50
C LYS A 92 -9.80 -12.99 0.95
N TYR A 93 -9.26 -13.70 1.95
CA TYR A 93 -9.45 -13.29 3.37
C TYR A 93 -8.31 -12.39 3.87
N TYR A 94 -7.55 -11.70 2.98
CA TYR A 94 -6.65 -10.60 3.46
C TYR A 94 -7.24 -9.25 3.06
N ILE A 95 -8.49 -9.22 2.59
CA ILE A 95 -9.22 -7.96 2.27
C ILE A 95 -10.29 -7.77 3.33
N VAL A 96 -10.51 -6.55 3.80
CA VAL A 96 -11.58 -6.21 4.78
C VAL A 96 -12.92 -6.63 4.18
N HIS A 97 -13.81 -7.20 5.00
CA HIS A 97 -15.12 -7.70 4.54
C HIS A 97 -16.16 -6.57 4.60
N LEU A 98 -16.74 -6.20 3.43
CA LEU A 98 -17.94 -5.36 3.41
C LEU A 98 -19.14 -6.25 3.74
N LYS A 99 -19.83 -5.95 4.83
CA LYS A 99 -21.01 -6.74 5.27
C LYS A 99 -22.25 -6.27 4.47
N ARG A 100 -22.43 -4.97 4.34
CA ARG A 100 -23.57 -4.41 3.56
C ARG A 100 -23.39 -2.90 3.42
N HIS A 101 -24.28 -2.25 2.68
CA HIS A 101 -24.25 -0.79 2.51
C HIS A 101 -25.68 -0.32 2.45
N PHE A 102 -25.91 0.91 2.86
CA PHE A 102 -27.23 1.55 2.76
C PHE A 102 -27.05 3.05 2.66
N MET A 103 -28.11 3.74 2.23
CA MET A 103 -28.17 5.20 2.25
C MET A 103 -28.90 5.62 3.51
N PHE A 104 -28.36 6.59 4.22
CA PHE A 104 -28.98 7.13 5.45
C PHE A 104 -28.69 8.62 5.54
N ARG A 105 -29.76 9.43 5.56
CA ARG A 105 -29.66 10.92 5.66
C ARG A 105 -28.84 11.45 4.48
N ASN A 106 -28.94 10.81 3.31
CA ASN A 106 -28.23 11.17 2.06
C ASN A 106 -26.71 10.92 2.15
N HIS A 107 -26.26 10.07 3.07
CA HIS A 107 -24.86 9.57 3.16
C HIS A 107 -24.82 8.11 2.76
N LEU A 108 -23.98 7.71 1.79
CA LEU A 108 -23.71 6.28 1.55
C LEU A 108 -22.93 5.78 2.77
N CYS A 109 -23.36 4.66 3.34
CA CYS A 109 -22.80 4.01 4.54
C CYS A 109 -22.37 2.60 4.20
N LEU A 110 -21.08 2.26 4.44
CA LEU A 110 -20.50 0.94 4.11
C LEU A 110 -20.24 0.27 5.47
N VAL A 111 -20.78 -0.92 5.68
CA VAL A 111 -20.61 -1.62 6.99
C VAL A 111 -19.56 -2.70 6.83
N PHE A 112 -18.48 -2.61 7.62
CA PHE A 112 -17.37 -3.58 7.64
C PHE A 112 -17.30 -4.30 9.00
N GLU A 113 -16.65 -5.44 8.99
CA GLU A 113 -16.15 -6.04 10.25
C GLU A 113 -15.31 -4.98 11.02
N MET A 114 -15.21 -5.10 12.34
CA MET A 114 -14.21 -4.31 13.10
C MET A 114 -12.82 -4.89 12.83
N LEU A 115 -11.86 -4.01 12.67
CA LEU A 115 -10.42 -4.39 12.71
C LEU A 115 -9.74 -3.62 13.84
N SER A 116 -8.46 -3.84 14.05
CA SER A 116 -7.65 -3.17 15.10
C SER A 116 -6.83 -2.04 14.46
N TYR A 117 -5.66 -1.72 15.03
CA TYR A 117 -4.91 -0.51 14.60
C TYR A 117 -4.06 -0.83 13.36
N ASN A 118 -3.58 0.20 12.71
CA ASN A 118 -2.92 0.10 11.39
C ASN A 118 -1.41 -0.05 11.54
N LEU A 119 -0.73 -0.36 10.44
CA LEU A 119 0.73 -0.66 10.52
C LEU A 119 1.51 0.63 10.71
N TYR A 120 0.96 1.80 10.41
CA TYR A 120 1.71 3.05 10.74
C TYR A 120 1.73 3.21 12.28
N ASP A 121 0.60 2.93 12.91
CA ASP A 121 0.49 2.96 14.38
C ASP A 121 1.47 1.94 14.96
N LEU A 122 1.55 0.77 14.36
CA LEU A 122 2.54 -0.27 14.79
C LEU A 122 3.94 0.34 14.74
N LEU A 123 4.32 1.00 13.65
CA LEU A 123 5.67 1.60 13.52
C LEU A 123 5.87 2.70 14.58
N ARG A 124 4.87 3.57 14.77
CA ARG A 124 4.92 4.66 15.78
C ARG A 124 5.15 4.01 17.15
N ASN A 125 4.59 2.84 17.39
CA ASN A 125 4.72 2.15 18.69
C ASN A 125 6.12 1.58 18.87
N THR A 126 6.90 1.38 17.80
CA THR A 126 8.32 0.92 17.87
C THR A 126 9.26 2.13 18.02
N ASN A 127 8.72 3.34 18.09
CA ASN A 127 9.47 4.62 18.02
C ASN A 127 10.16 4.68 16.66
N PHE A 128 9.48 4.18 15.61
CA PHE A 128 10.01 4.21 14.24
C PHE A 128 11.37 3.52 14.18
N ARG A 129 11.56 2.48 14.97
CA ARG A 129 12.78 1.63 14.86
C ARG A 129 12.51 0.36 14.05
N GLY A 130 11.25 0.06 13.75
CA GLY A 130 10.91 -1.07 12.88
C GLY A 130 10.60 -2.35 13.61
N VAL A 131 9.93 -3.25 12.91
CA VAL A 131 9.61 -4.60 13.46
C VAL A 131 10.64 -5.59 12.93
N SER A 132 10.69 -6.78 13.53
CA SER A 132 11.68 -7.82 13.17
C SER A 132 11.51 -8.29 11.73
N LEU A 133 12.58 -8.81 11.14
CA LEU A 133 12.49 -9.46 9.82
C LEU A 133 11.45 -10.58 9.82
N ASN A 134 11.28 -11.32 10.93
CA ASN A 134 10.27 -12.40 11.05
C ASN A 134 8.85 -11.84 10.98
N LEU A 135 8.59 -10.69 11.62
CA LEU A 135 7.23 -10.11 11.54
C LEU A 135 7.03 -9.47 10.16
N THR A 136 8.06 -8.83 9.62
CA THR A 136 8.04 -8.27 8.25
C THR A 136 7.67 -9.39 7.28
N ARG A 137 8.30 -10.57 7.44
CA ARG A 137 8.00 -11.72 6.54
C ARG A 137 6.52 -12.09 6.63
N LYS A 138 5.97 -12.18 7.83
CA LYS A 138 4.56 -12.56 8.03
C LYS A 138 3.65 -11.55 7.32
N PHE A 139 3.97 -10.24 7.44
CA PHE A 139 3.17 -9.19 6.77
C PHE A 139 3.31 -9.34 5.26
N ALA A 140 4.52 -9.52 4.78
CA ALA A 140 4.81 -9.68 3.34
C ALA A 140 4.00 -10.83 2.75
N GLN A 141 3.95 -11.98 3.42
CA GLN A 141 3.23 -13.15 2.88
C GLN A 141 1.73 -12.88 2.77
N GLN A 142 1.13 -12.28 3.78
CA GLN A 142 -0.28 -11.92 3.72
C GLN A 142 -0.51 -10.91 2.57
N MET A 143 0.33 -9.89 2.46
CA MET A 143 0.07 -8.83 1.44
C MET A 143 0.28 -9.40 0.04
N CYS A 144 1.26 -10.26 -0.14
CA CYS A 144 1.47 -10.89 -1.48
C CYS A 144 0.26 -11.77 -1.81
N THR A 145 -0.33 -12.44 -0.83
CA THR A 145 -1.54 -13.26 -1.03
C THR A 145 -2.71 -12.37 -1.42
N ALA A 146 -2.89 -11.23 -0.76
CA ALA A 146 -3.94 -10.27 -1.13
C ALA A 146 -3.77 -9.80 -2.59
N LEU A 147 -2.57 -9.42 -2.98
CA LEU A 147 -2.28 -8.90 -4.34
C LEU A 147 -2.56 -10.03 -5.34
N LEU A 148 -2.25 -11.29 -4.99
CA LEU A 148 -2.58 -12.47 -5.87
C LEU A 148 -4.09 -12.55 -6.05
N PHE A 149 -4.86 -12.37 -4.99
CA PHE A 149 -6.33 -12.37 -5.11
C PHE A 149 -6.81 -11.23 -6.02
N LEU A 150 -6.31 -10.02 -5.82
CA LEU A 150 -6.80 -8.88 -6.64
C LEU A 150 -6.42 -9.08 -8.10
N ALA A 151 -5.38 -9.85 -8.38
CA ALA A 151 -4.91 -10.07 -9.76
C ALA A 151 -5.71 -11.17 -10.48
N THR A 152 -6.64 -11.83 -9.78
CA THR A 152 -7.61 -12.80 -10.40
C THR A 152 -8.18 -12.15 -11.66
N PRO A 153 -8.05 -12.77 -12.87
CA PRO A 153 -8.43 -12.08 -14.11
C PRO A 153 -9.79 -11.38 -14.01
N GLU A 154 -10.82 -12.04 -13.46
CA GLU A 154 -12.18 -11.45 -13.47
C GLU A 154 -12.28 -10.28 -12.46
N LEU A 155 -11.28 -10.08 -11.60
CA LEU A 155 -11.24 -8.91 -10.68
C LEU A 155 -10.30 -7.89 -11.30
N SER A 156 -9.01 -8.19 -11.41
CA SER A 156 -7.98 -7.28 -12.00
C SER A 156 -8.10 -5.91 -11.31
N ILE A 157 -8.11 -5.95 -9.97
CA ILE A 157 -8.31 -4.72 -9.17
C ILE A 157 -6.95 -4.15 -8.75
N ILE A 158 -6.76 -2.89 -9.07
CA ILE A 158 -5.57 -2.10 -8.62
C ILE A 158 -6.03 -1.34 -7.39
N HIS A 159 -5.39 -1.59 -6.25
CA HIS A 159 -5.75 -0.90 -5.00
C HIS A 159 -5.50 0.59 -5.15
N CYS A 160 -4.29 0.93 -5.62
CA CYS A 160 -3.85 2.32 -5.95
C CYS A 160 -3.50 3.18 -4.71
N ASP A 161 -3.68 2.73 -3.46
CA ASP A 161 -3.27 3.55 -2.30
C ASP A 161 -2.75 2.65 -1.17
N LEU A 162 -1.89 1.71 -1.48
CA LEU A 162 -1.28 0.86 -0.42
C LEU A 162 -0.24 1.69 0.33
N LYS A 163 -0.31 1.60 1.62
CA LYS A 163 0.60 2.30 2.56
C LYS A 163 0.28 1.73 3.94
N PRO A 164 1.19 1.88 4.91
CA PRO A 164 0.99 1.27 6.21
C PRO A 164 -0.36 1.63 6.84
N GLU A 165 -0.83 2.86 6.65
CA GLU A 165 -2.12 3.33 7.24
C GLU A 165 -3.30 2.49 6.70
N ASN A 166 -3.20 1.91 5.51
CA ASN A 166 -4.31 1.17 4.87
C ASN A 166 -4.14 -0.32 5.07
N ILE A 167 -3.32 -0.73 6.02
CA ILE A 167 -3.13 -2.17 6.34
C ILE A 167 -3.42 -2.26 7.84
N LEU A 168 -4.46 -3.01 8.23
CA LEU A 168 -4.91 -3.06 9.65
C LEU A 168 -4.70 -4.45 10.22
N LEU A 169 -4.31 -4.51 11.48
CA LEU A 169 -4.26 -5.77 12.24
C LEU A 169 -5.71 -6.24 12.41
N CYS A 170 -5.96 -7.53 12.28
CA CYS A 170 -7.25 -8.16 12.62
C CYS A 170 -7.55 -8.16 14.11
N ASN A 171 -6.50 -8.17 14.93
CA ASN A 171 -6.63 -8.38 16.39
C ASN A 171 -5.38 -7.81 17.03
N PRO A 172 -5.47 -6.95 18.06
CA PRO A 172 -4.26 -6.38 18.67
C PRO A 172 -3.29 -7.41 19.26
N LYS A 173 -3.76 -8.62 19.57
CA LYS A 173 -2.88 -9.67 20.15
C LYS A 173 -2.13 -10.38 19.04
N ARG A 174 -2.45 -10.17 17.74
CA ARG A 174 -2.02 -11.13 16.68
C ARG A 174 -1.38 -10.40 15.49
N SER A 175 -0.84 -11.15 14.54
CA SER A 175 -0.10 -10.58 13.39
C SER A 175 -0.86 -10.79 12.07
N ALA A 176 -2.13 -11.18 12.12
CA ALA A 176 -2.99 -11.21 10.92
C ALA A 176 -3.34 -9.78 10.51
N ILE A 177 -3.36 -9.50 9.21
CA ILE A 177 -3.65 -8.15 8.66
C ILE A 177 -4.67 -8.27 7.51
N LYS A 178 -5.34 -7.16 7.27
CA LYS A 178 -6.22 -6.97 6.11
C LYS A 178 -5.98 -5.61 5.50
N ILE A 179 -6.17 -5.54 4.20
CA ILE A 179 -6.10 -4.24 3.45
C ILE A 179 -7.45 -3.59 3.53
N VAL A 180 -7.47 -2.30 3.74
CA VAL A 180 -8.70 -1.47 3.71
C VAL A 180 -8.52 -0.35 2.68
N ASP A 181 -9.60 0.39 2.47
CA ASP A 181 -9.67 1.66 1.70
C ASP A 181 -9.50 1.36 0.22
N PHE A 182 -10.58 0.94 -0.42
CA PHE A 182 -10.64 0.76 -1.89
C PHE A 182 -11.25 2.01 -2.52
N GLY A 183 -10.99 3.17 -1.91
CA GLY A 183 -11.55 4.48 -2.29
C GLY A 183 -10.96 5.05 -3.57
N SER A 184 -9.76 4.61 -3.94
CA SER A 184 -8.95 5.03 -5.11
C SER A 184 -8.90 3.93 -6.13
N SER A 185 -9.37 2.75 -5.77
CA SER A 185 -9.16 1.51 -6.54
C SER A 185 -9.91 1.61 -7.86
N CYS A 186 -9.40 0.87 -8.83
CA CYS A 186 -10.05 0.74 -10.16
C CYS A 186 -9.69 -0.63 -10.72
N GLN A 187 -10.56 -1.19 -11.57
CA GLN A 187 -10.17 -2.34 -12.39
C GLN A 187 -9.19 -1.93 -13.48
N LEU A 188 -8.40 -2.87 -13.92
CA LEU A 188 -7.49 -2.68 -15.07
C LEU A 188 -8.32 -2.17 -16.27
N GLY A 189 -7.92 -1.10 -16.94
CA GLY A 189 -8.77 -0.62 -18.06
C GLY A 189 -9.93 0.26 -17.61
N GLN A 190 -10.07 0.57 -16.32
CA GLN A 190 -11.10 1.48 -15.80
C GLN A 190 -10.44 2.66 -15.04
N ARG A 191 -9.26 3.07 -15.48
CA ARG A 191 -8.46 4.16 -14.88
C ARG A 191 -9.29 5.44 -14.99
N ILE A 192 -9.30 6.24 -13.92
CA ILE A 192 -9.89 7.59 -13.95
C ILE A 192 -8.76 8.60 -13.86
N TYR A 193 -7.94 8.54 -12.80
CA TYR A 193 -6.99 9.64 -12.51
C TYR A 193 -5.58 9.25 -12.91
N GLN A 194 -4.82 10.18 -13.46
CA GLN A 194 -3.36 9.98 -13.72
C GLN A 194 -2.61 10.12 -12.38
N PTR A 195 -3.01 11.06 -11.49
CA PTR A 195 -2.31 11.35 -10.26
C PTR A 195 -2.93 10.54 -9.14
O PTR A 195 -3.97 10.91 -8.62
CB PTR A 195 -2.44 12.83 -9.89
CG PTR A 195 -1.57 13.37 -8.79
CD1 PTR A 195 -2.03 13.49 -7.50
CD2 PTR A 195 -0.30 13.82 -9.06
CE1 PTR A 195 -1.28 14.06 -6.49
CE2 PTR A 195 0.50 14.35 -8.07
CZ PTR A 195 0.00 14.45 -6.78
OH PTR A 195 0.79 15.19 -5.93
P PTR A 195 1.33 14.83 -4.54
O1P PTR A 195 1.29 15.91 -3.56
O2P PTR A 195 0.63 13.62 -3.98
O3P PTR A 195 2.76 14.48 -4.85
N ILE A 196 -2.25 9.46 -8.77
CA ILE A 196 -2.73 8.50 -7.80
C ILE A 196 -1.59 7.98 -6.94
N GLN A 197 -1.97 7.22 -5.90
CA GLN A 197 -1.10 6.64 -4.87
C GLN A 197 -0.62 7.74 -3.93
N SER A 198 -0.28 7.36 -2.72
CA SER A 198 0.37 8.30 -1.78
C SER A 198 1.83 8.48 -2.23
N ARG A 199 2.37 9.70 -2.14
CA ARG A 199 3.63 10.06 -2.84
C ARG A 199 4.75 9.10 -2.43
N PHE A 200 4.98 8.85 -1.14
CA PHE A 200 6.10 7.97 -0.71
C PHE A 200 6.02 6.56 -1.34
N TYR A 201 4.83 6.14 -1.74
CA TYR A 201 4.56 4.76 -2.22
C TYR A 201 4.19 4.79 -3.70
N ARG A 202 4.39 5.92 -4.39
CA ARG A 202 3.98 6.09 -5.81
C ARG A 202 5.05 5.45 -6.70
N SER A 203 4.59 4.65 -7.65
CA SER A 203 5.41 3.89 -8.59
C SER A 203 6.01 4.85 -9.62
N PRO A 204 7.16 4.48 -10.18
CA PRO A 204 7.76 5.29 -11.25
C PRO A 204 6.85 5.50 -12.46
N GLU A 205 6.12 4.46 -12.87
CA GLU A 205 5.18 4.62 -14.01
C GLU A 205 4.17 5.73 -13.72
N VAL A 206 3.62 5.85 -12.50
CA VAL A 206 2.68 6.94 -12.14
C VAL A 206 3.40 8.29 -12.08
N LEU A 207 4.59 8.38 -11.46
CA LEU A 207 5.37 9.63 -11.45
C LEU A 207 5.61 10.06 -12.91
N LEU A 208 5.81 9.11 -13.81
CA LEU A 208 6.17 9.38 -15.21
C LEU A 208 4.94 9.57 -16.11
N GLY A 209 3.74 9.51 -15.54
CA GLY A 209 2.49 9.81 -16.25
C GLY A 209 2.10 8.74 -17.21
N MET A 210 2.51 7.49 -16.97
CA MET A 210 2.26 6.37 -17.92
C MET A 210 0.99 5.62 -17.51
N PRO A 211 0.32 4.92 -18.46
CA PRO A 211 -0.83 4.07 -18.14
C PRO A 211 -0.38 2.96 -17.18
N TYR A 212 -1.11 2.76 -16.08
CA TYR A 212 -0.62 1.90 -14.99
C TYR A 212 -1.48 0.65 -14.94
N ASP A 213 -0.93 -0.37 -14.28
CA ASP A 213 -1.61 -1.67 -14.10
C ASP A 213 -1.35 -2.17 -12.67
N LEU A 214 -1.63 -3.45 -12.40
CA LEU A 214 -1.64 -3.92 -11.01
C LEU A 214 -0.22 -3.82 -10.43
N ALA A 215 0.83 -3.74 -11.28
CA ALA A 215 2.23 -3.72 -10.81
C ALA A 215 2.48 -2.49 -9.89
N ILE A 216 1.70 -1.43 -9.96
CA ILE A 216 1.96 -0.24 -9.08
C ILE A 216 1.74 -0.65 -7.60
N ASP A 217 0.89 -1.63 -7.32
CA ASP A 217 0.64 -2.06 -5.92
C ASP A 217 1.87 -2.82 -5.41
N MET A 218 2.56 -3.56 -6.28
CA MET A 218 3.77 -4.32 -5.89
C MET A 218 4.90 -3.35 -5.57
N TRP A 219 5.03 -2.27 -6.35
CA TRP A 219 5.99 -1.20 -6.04
C TRP A 219 5.73 -0.71 -4.61
N SER A 220 4.49 -0.33 -4.34
CA SER A 220 4.08 0.19 -3.02
C SER A 220 4.50 -0.82 -1.98
N LEU A 221 4.19 -2.12 -2.20
CA LEU A 221 4.46 -3.14 -1.19
C LEU A 221 5.94 -3.19 -0.88
N GLY A 222 6.79 -3.18 -1.91
CA GLY A 222 8.25 -3.13 -1.74
C GLY A 222 8.68 -2.00 -0.80
N CYS A 223 8.20 -0.79 -1.07
CA CYS A 223 8.44 0.38 -0.21
C CYS A 223 7.97 0.12 1.21
N ILE A 224 6.78 -0.45 1.36
CA ILE A 224 6.15 -0.66 2.69
C ILE A 224 7.01 -1.62 3.53
N LEU A 225 7.44 -2.71 2.92
CA LEU A 225 8.15 -3.76 3.68
C LEU A 225 9.49 -3.24 4.16
N VAL A 226 10.22 -2.47 3.34
CA VAL A 226 11.50 -1.88 3.82
C VAL A 226 11.18 -1.00 5.02
N GLU A 227 10.17 -0.12 4.93
CA GLU A 227 9.81 0.79 6.03
C GLU A 227 9.40 0.01 7.28
N MET A 228 8.65 -1.08 7.13
CA MET A 228 8.18 -1.82 8.31
C MET A 228 9.42 -2.31 9.09
N HIS A 229 10.51 -2.65 8.38
CA HIS A 229 11.70 -3.21 9.07
C HIS A 229 12.67 -2.11 9.52
N THR A 230 12.79 -1.01 8.80
CA THR A 230 13.73 0.09 9.16
C THR A 230 13.07 1.09 10.10
N GLY A 231 11.74 1.20 10.07
CA GLY A 231 11.02 2.23 10.82
C GLY A 231 10.75 3.49 10.04
N GLU A 232 11.44 3.68 8.93
CA GLU A 232 11.38 4.95 8.14
C GLU A 232 11.00 4.66 6.68
N PRO A 233 10.32 5.63 6.03
CA PRO A 233 9.95 5.50 4.63
C PRO A 233 11.21 5.36 3.79
N LEU A 234 11.15 4.51 2.77
CA LEU A 234 12.31 4.23 1.89
C LEU A 234 12.55 5.49 1.06
N PHE A 235 11.48 6.10 0.54
CA PHE A 235 11.58 7.21 -0.43
C PHE A 235 10.65 8.31 0.04
N SER A 236 11.11 9.23 0.90
CA SER A 236 10.18 10.22 1.51
C SER A 236 10.24 11.54 0.75
N GLY A 237 9.73 11.56 -0.48
CA GLY A 237 9.80 12.76 -1.32
C GLY A 237 8.88 13.84 -0.80
N ALA A 238 9.33 15.11 -0.85
CA ALA A 238 8.52 16.28 -0.43
C ALA A 238 7.60 16.72 -1.58
N ASN A 239 7.85 16.27 -2.81
CA ASN A 239 7.06 16.57 -4.03
C ASN A 239 7.55 15.57 -5.07
N GLU A 240 6.92 15.54 -6.24
CA GLU A 240 7.21 14.47 -7.23
C GLU A 240 8.68 14.53 -7.64
N VAL A 241 9.23 15.74 -7.83
CA VAL A 241 10.63 15.80 -8.30
C VAL A 241 11.51 15.21 -7.21
N ASP A 242 11.32 15.56 -5.93
CA ASP A 242 12.13 15.01 -4.81
C ASP A 242 11.91 13.48 -4.76
N GLN A 243 10.67 13.03 -5.03
CA GLN A 243 10.37 11.58 -4.96
C GLN A 243 11.22 10.84 -5.98
N MET A 244 11.19 11.26 -7.24
CA MET A 244 11.91 10.59 -8.32
C MET A 244 13.43 10.65 -8.00
N ASN A 245 13.91 11.74 -7.42
CA ASN A 245 15.37 11.90 -7.10
C ASN A 245 15.73 10.91 -6.02
N LYS A 246 14.84 10.70 -5.03
CA LYS A 246 15.07 9.70 -3.97
C LYS A 246 15.03 8.28 -4.52
N ILE A 247 14.20 8.00 -5.50
CA ILE A 247 14.16 6.65 -6.11
C ILE A 247 15.48 6.44 -6.87
N VAL A 248 15.91 7.44 -7.63
CA VAL A 248 17.14 7.33 -8.48
C VAL A 248 18.36 7.14 -7.57
N GLU A 249 18.40 7.79 -6.41
CA GLU A 249 19.54 7.57 -5.46
C GLU A 249 19.78 6.08 -5.20
N VAL A 250 18.70 5.31 -5.06
CA VAL A 250 18.79 3.87 -4.66
C VAL A 250 18.89 3.00 -5.90
N LEU A 251 18.13 3.32 -6.95
CA LEU A 251 17.96 2.35 -8.06
C LEU A 251 18.65 2.81 -9.36
N GLY A 252 19.20 4.00 -9.43
CA GLY A 252 19.81 4.50 -10.68
C GLY A 252 18.79 5.11 -11.63
N ILE A 253 19.27 5.56 -12.78
CA ILE A 253 18.43 6.20 -13.82
C ILE A 253 17.54 5.09 -14.36
N PRO A 254 16.21 5.34 -14.52
CA PRO A 254 15.32 4.36 -15.16
C PRO A 254 15.80 3.92 -16.54
N PRO A 255 15.43 2.74 -17.04
CA PRO A 255 15.87 2.33 -18.37
C PRO A 255 15.33 3.24 -19.48
N ALA A 256 16.15 3.44 -20.50
CA ALA A 256 15.84 4.24 -21.69
C ALA A 256 14.48 3.84 -22.29
N HIS A 257 14.24 2.54 -22.45
CA HIS A 257 13.02 2.08 -23.16
C HIS A 257 11.79 2.57 -22.39
N ILE A 258 11.90 2.77 -21.07
CA ILE A 258 10.79 3.31 -20.24
C ILE A 258 10.70 4.80 -20.46
N LEU A 259 11.80 5.52 -20.26
CA LEU A 259 11.82 7.01 -20.38
C LEU A 259 11.37 7.45 -21.79
N ASP A 260 11.75 6.70 -22.82
CA ASP A 260 11.37 6.97 -24.23
C ASP A 260 9.86 6.96 -24.42
N GLN A 261 9.08 6.32 -23.53
CA GLN A 261 7.62 6.19 -23.73
C GLN A 261 6.84 6.99 -22.71
N ALA A 262 7.49 7.82 -21.91
CA ALA A 262 6.89 8.39 -20.70
C ALA A 262 6.51 9.83 -20.93
N PRO A 263 5.21 10.16 -20.89
CA PRO A 263 4.80 11.55 -21.03
C PRO A 263 5.55 12.53 -20.11
N LYS A 264 5.93 12.14 -18.89
CA LYS A 264 6.40 13.15 -17.90
C LYS A 264 7.90 12.99 -17.65
N ALA A 265 8.58 12.24 -18.50
CA ALA A 265 10.02 11.90 -18.37
C ALA A 265 10.86 13.18 -18.16
N ARG A 266 10.53 14.26 -18.89
CA ARG A 266 11.32 15.53 -18.93
C ARG A 266 10.96 16.41 -17.73
N LYS A 267 9.96 16.03 -16.93
CA LYS A 267 9.80 16.54 -15.56
C LYS A 267 11.06 16.25 -14.74
N PHE A 268 11.77 15.16 -15.02
CA PHE A 268 12.85 14.67 -14.11
C PHE A 268 14.17 14.46 -14.87
N PHE A 269 14.12 14.13 -16.15
CA PHE A 269 15.29 13.60 -16.88
C PHE A 269 15.53 14.41 -18.15
N GLU A 270 16.74 14.26 -18.70
CA GLU A 270 17.22 14.86 -19.99
C GLU A 270 17.75 13.74 -20.85
N LYS A 271 17.44 13.76 -22.16
CA LYS A 271 17.96 12.78 -23.15
C LYS A 271 19.12 13.44 -23.90
N LEU A 272 20.15 12.66 -24.27
CA LEU A 272 21.35 13.16 -25.01
C LEU A 272 21.39 12.59 -26.42
N PRO A 273 22.34 13.05 -27.27
CA PRO A 273 22.45 12.62 -28.66
C PRO A 273 22.39 11.10 -28.89
N ASP A 274 23.05 10.34 -28.03
CA ASP A 274 23.23 8.86 -28.17
C ASP A 274 22.08 8.10 -27.49
N GLY A 275 20.94 8.75 -27.26
CA GLY A 275 19.69 8.14 -26.75
C GLY A 275 19.78 7.74 -25.28
N THR A 276 20.78 8.26 -24.55
CA THR A 276 20.95 8.01 -23.09
C THR A 276 20.22 9.09 -22.32
N TRP A 277 19.87 8.81 -21.08
CA TRP A 277 19.15 9.79 -20.22
C TRP A 277 19.99 10.07 -18.98
N ASN A 278 19.79 11.24 -18.40
CA ASN A 278 20.45 11.68 -17.14
C ASN A 278 19.43 12.47 -16.33
N LEU A 279 19.72 12.59 -15.04
CA LEU A 279 18.90 13.44 -14.17
C LEU A 279 18.98 14.87 -14.68
N LYS A 280 17.86 15.55 -14.72
CA LYS A 280 17.79 17.01 -14.72
C LYS A 280 18.35 17.46 -13.37
N LYS A 281 19.32 18.35 -13.34
CA LYS A 281 19.90 18.86 -12.07
C LYS A 281 19.20 20.17 -11.72
N THR A 282 18.85 20.42 -10.46
CA THR A 282 18.41 21.79 -10.06
C THR A 282 19.48 22.40 -9.14
N LYS A 283 19.25 23.59 -8.56
CA LYS A 283 20.10 24.23 -7.51
C LYS A 283 20.47 23.19 -6.44
N ASP A 284 21.73 23.11 -6.03
CA ASP A 284 22.10 22.37 -4.79
C ASP A 284 21.52 23.11 -3.59
N TYR A 289 21.71 15.30 -3.49
CA TYR A 289 21.38 13.85 -3.65
C TYR A 289 22.67 13.05 -3.90
N LYS A 290 22.72 11.84 -3.36
CA LYS A 290 23.77 10.86 -3.71
C LYS A 290 23.69 10.57 -5.20
N PRO A 291 24.84 10.26 -5.84
CA PRO A 291 24.87 9.88 -7.24
C PRO A 291 23.95 8.68 -7.53
N PRO A 292 23.39 8.60 -8.76
CA PRO A 292 22.44 7.54 -9.11
C PRO A 292 22.92 6.16 -8.69
N GLY A 293 22.10 5.43 -7.95
CA GLY A 293 22.34 4.01 -7.69
C GLY A 293 23.38 3.77 -6.62
N THR A 294 23.87 4.81 -5.93
CA THR A 294 24.90 4.66 -4.87
C THR A 294 24.31 4.59 -3.46
N ARG A 295 23.04 4.95 -3.25
CA ARG A 295 22.41 4.73 -1.92
C ARG A 295 21.87 3.30 -1.95
N LYS A 296 22.73 2.36 -1.58
CA LYS A 296 22.52 0.91 -1.82
C LYS A 296 21.49 0.37 -0.82
N LEU A 297 20.47 -0.35 -1.30
CA LEU A 297 19.50 -0.99 -0.39
C LEU A 297 20.26 -1.88 0.59
N HIS A 298 21.35 -2.51 0.13
CA HIS A 298 22.29 -3.34 0.98
C HIS A 298 22.62 -2.60 2.30
N ASN A 299 22.85 -1.30 2.26
CA ASN A 299 23.29 -0.47 3.42
C ASN A 299 22.07 0.04 4.17
N ILE A 300 20.96 0.32 3.47
CA ILE A 300 19.72 0.78 4.16
C ILE A 300 19.29 -0.35 5.09
N LEU A 301 19.31 -1.59 4.60
CA LEU A 301 18.84 -2.77 5.38
C LEU A 301 19.94 -3.18 6.40
N GLY A 302 21.19 -2.80 6.19
CA GLY A 302 22.33 -3.24 7.04
C GLY A 302 22.57 -4.74 6.96
N VAL A 303 22.55 -5.30 5.74
CA VAL A 303 22.61 -6.76 5.48
C VAL A 303 23.85 -7.34 6.18
N GLU A 304 24.99 -6.68 6.00
CA GLU A 304 26.30 -7.16 6.52
C GLU A 304 26.69 -6.41 7.80
N THR A 305 25.78 -5.63 8.39
CA THR A 305 26.12 -4.68 9.47
C THR A 305 25.11 -4.69 10.60
N GLY A 306 24.46 -5.82 10.88
CA GLY A 306 23.55 -5.96 12.03
C GLY A 306 22.18 -5.31 11.79
N GLY A 307 21.74 -5.20 10.53
CA GLY A 307 20.37 -4.73 10.22
C GLY A 307 20.25 -3.22 10.34
N PRO A 308 19.04 -2.63 10.27
CA PRO A 308 18.93 -1.17 10.30
C PRO A 308 19.53 -0.53 11.56
N GLY A 309 20.39 0.48 11.37
CA GLY A 309 21.16 1.16 12.43
C GLY A 309 21.93 0.19 13.30
N GLY A 310 22.25 -0.99 12.78
CA GLY A 310 22.93 -2.08 13.49
C GLY A 310 22.15 -2.58 14.68
N ARG A 311 20.86 -2.29 14.76
CA ARG A 311 20.03 -2.61 15.96
C ARG A 311 19.63 -4.08 16.01
N ARG A 312 19.88 -4.90 14.98
CA ARG A 312 19.52 -6.34 15.03
C ARG A 312 20.76 -7.25 15.21
N ALA A 313 21.95 -6.68 15.37
CA ALA A 313 23.23 -7.41 15.61
C ALA A 313 23.00 -8.56 16.60
N GLY A 314 23.18 -9.80 16.12
CA GLY A 314 23.18 -11.00 16.98
C GLY A 314 21.79 -11.51 17.30
N GLU A 315 20.72 -10.81 16.88
CA GLU A 315 19.34 -11.31 17.06
C GLU A 315 19.16 -12.53 16.15
N SER A 316 18.44 -13.53 16.64
CA SER A 316 18.03 -14.73 15.88
C SER A 316 17.18 -14.31 14.67
N GLY A 317 17.34 -14.98 13.52
CA GLY A 317 16.54 -14.72 12.31
C GLY A 317 16.94 -13.45 11.57
N HIS A 318 18.10 -12.88 11.90
CA HIS A 318 18.61 -11.67 11.22
C HIS A 318 20.03 -11.92 10.77
N THR A 319 20.27 -13.11 10.21
CA THR A 319 21.59 -13.51 9.65
C THR A 319 21.78 -12.81 8.30
N VAL A 320 23.03 -12.63 7.87
CA VAL A 320 23.31 -12.13 6.49
C VAL A 320 22.44 -12.89 5.46
N ALA A 321 22.33 -14.23 5.50
CA ALA A 321 21.61 -15.02 4.46
C ALA A 321 20.12 -14.63 4.46
N ASP A 322 19.53 -14.45 5.65
CA ASP A 322 18.14 -13.98 5.84
C ASP A 322 17.96 -12.63 5.13
N TYR A 323 18.91 -11.72 5.36
CA TYR A 323 18.87 -10.33 4.85
C TYR A 323 19.01 -10.35 3.33
N LEU A 324 19.85 -11.25 2.79
CA LEU A 324 20.12 -11.26 1.34
C LEU A 324 18.85 -11.71 0.63
N LYS A 325 18.12 -12.68 1.19
CA LYS A 325 16.84 -13.13 0.58
C LYS A 325 15.85 -11.95 0.58
N PHE A 326 15.76 -11.23 1.70
CA PHE A 326 14.82 -10.09 1.83
C PHE A 326 15.19 -9.06 0.77
N LYS A 327 16.47 -8.67 0.75
CA LYS A 327 16.97 -7.66 -0.21
C LYS A 327 16.64 -8.09 -1.65
N ASP A 328 16.88 -9.35 -1.99
CA ASP A 328 16.61 -9.85 -3.37
C ASP A 328 15.12 -9.66 -3.69
N LEU A 329 14.25 -10.06 -2.78
CA LEU A 329 12.80 -9.94 -3.02
C LEU A 329 12.44 -8.46 -3.22
N ILE A 330 12.94 -7.58 -2.37
CA ILE A 330 12.56 -6.15 -2.45
C ILE A 330 13.01 -5.60 -3.80
N LEU A 331 14.24 -5.89 -4.21
CA LEU A 331 14.73 -5.37 -5.50
C LEU A 331 13.88 -5.91 -6.67
N ARG A 332 13.26 -7.08 -6.55
CA ARG A 332 12.34 -7.58 -7.60
C ARG A 332 11.03 -6.77 -7.57
N MET A 333 10.60 -6.37 -6.37
CA MET A 333 9.38 -5.52 -6.21
C MET A 333 9.67 -4.11 -6.75
N LEU A 334 10.92 -3.64 -6.67
CA LEU A 334 11.29 -2.27 -7.06
C LEU A 334 11.94 -2.25 -8.45
N ASP A 335 11.65 -3.24 -9.30
CA ASP A 335 11.99 -3.20 -10.73
C ASP A 335 11.35 -1.94 -11.34
N TYR A 336 12.12 -1.12 -12.05
CA TYR A 336 11.55 0.02 -12.78
C TYR A 336 10.51 -0.41 -13.82
N ASP A 337 10.72 -1.57 -14.42
CA ASP A 337 9.93 -2.06 -15.59
C ASP A 337 8.70 -2.79 -15.05
N PRO A 338 7.48 -2.23 -15.19
CA PRO A 338 6.28 -2.86 -14.62
C PRO A 338 5.98 -4.21 -15.27
N LYS A 339 6.57 -4.47 -16.43
CA LYS A 339 6.36 -5.73 -17.17
C LYS A 339 7.20 -6.84 -16.54
N THR A 340 8.38 -6.53 -16.01
CA THR A 340 9.29 -7.55 -15.44
C THR A 340 9.24 -7.53 -13.90
N ARG A 341 8.65 -6.50 -13.31
CA ARG A 341 8.52 -6.41 -11.83
C ARG A 341 7.87 -7.73 -11.34
N ILE A 342 8.30 -8.25 -10.21
CA ILE A 342 7.78 -9.55 -9.72
C ILE A 342 6.27 -9.45 -9.51
N GLN A 343 5.57 -10.53 -9.83
CA GLN A 343 4.10 -10.65 -9.68
C GLN A 343 3.81 -11.49 -8.44
N PRO A 344 2.59 -11.37 -7.85
CA PRO A 344 2.30 -11.93 -6.52
C PRO A 344 2.55 -13.44 -6.36
N TYR A 345 2.16 -14.22 -7.38
CA TYR A 345 2.37 -15.70 -7.30
C TYR A 345 3.87 -15.97 -7.16
N TYR A 346 4.70 -15.33 -7.98
CA TYR A 346 6.16 -15.59 -7.99
C TYR A 346 6.80 -14.97 -6.74
N ALA A 347 6.23 -13.91 -6.20
CA ALA A 347 6.80 -13.38 -4.93
C ALA A 347 6.52 -14.43 -3.82
N LEU A 348 5.37 -15.06 -3.83
CA LEU A 348 5.06 -16.06 -2.80
C LEU A 348 6.00 -17.28 -2.91
N GLN A 349 6.62 -17.55 -4.06
CA GLN A 349 7.54 -18.71 -4.25
C GLN A 349 8.98 -18.29 -3.96
N HIS A 350 9.24 -17.04 -3.57
CA HIS A 350 10.62 -16.56 -3.34
C HIS A 350 11.20 -17.25 -2.10
N SER A 351 12.52 -17.39 -2.09
CA SER A 351 13.25 -18.08 -1.01
C SER A 351 13.01 -17.36 0.33
N PHE A 352 12.68 -16.07 0.33
CA PHE A 352 12.44 -15.31 1.59
C PHE A 352 11.37 -16.03 2.38
N PHE A 353 10.44 -16.68 1.70
CA PHE A 353 9.29 -17.33 2.35
C PHE A 353 9.50 -18.84 2.61
N LYS A 354 10.67 -19.37 2.29
CA LYS A 354 10.95 -20.82 2.46
C LYS A 354 11.53 -21.06 3.87
N LYS A 355 10.99 -22.05 4.61
CA LYS A 355 11.54 -22.50 5.92
C LYS A 355 12.83 -23.30 5.68
C1 6SD B . -11.21 -0.24 12.76
C2 6SD B . -12.07 -0.65 10.57
C3 6SD B . -12.77 -1.47 9.70
C7 6SD B . -11.41 0.49 10.10
C8 6SD B . -12.26 0.36 6.43
C9 6SD B . -12.73 -0.41 5.38
C10 6SD B . -12.49 0.37 4.19
N3 6SD B . -12.76 0.05 2.91
N1 6SD B . -11.97 1.52 4.60
N2 6SD B . -11.77 1.53 5.94
C5 6SD B . -12.22 0.05 7.88
C4 6SD B . -12.84 -1.11 8.37
C6 6SD B . -11.53 0.84 8.78
O 6SD B . -11.99 -1.04 11.87
#